data_6CBP
#
_entry.id   6CBP
#
_cell.length_a   68.005
_cell.length_b   68.005
_cell.length_c   128.835
_cell.angle_alpha   90.000
_cell.angle_beta   90.000
_cell.angle_gamma   90.000
#
_symmetry.space_group_name_H-M   'P 41 2 2'
#
loop_
_entity.id
_entity.type
_entity.pdbx_description
1 polymer 'Man9-V3 glycopeptide'
2 polymer 'DH270.6 single chain variable fragment'
3 branched beta-D-mannopyranose-(1-4)-2-acetamido-2-deoxy-beta-D-glucopyranose-(1-4)-2-acetamido-2-deoxy-beta-D-glucopyranose
4 branched alpha-D-mannopyranose-(1-2)-alpha-D-mannopyranose-(1-2)-alpha-D-mannopyranose-(1-3)-beta-D-mannopyranose-(1-4)-2-acetamido-2-deoxy-beta-D-glucopyranose-(1-4)-2-acetamido-2-deoxy-beta-D-glucopyranose
5 branched alpha-D-mannopyranose-(1-2)-alpha-D-mannopyranose-(1-3)-alpha-D-mannopyranose
6 branched alpha-D-mannopyranose-(1-2)-alpha-D-mannopyranose
7 water water
#
loop_
_entity_poly.entity_id
_entity_poly.type
_entity_poly.pdbx_seq_one_letter_code
_entity_poly.pdbx_strand_id
1 'polypeptide(L)' EINCTRPNNNTRPGEIIGDIRQAHCNISRA P
2 'polypeptide(L)'
;QVQLVQSGAQMKNPGASVKVSCAPSGYTFTDFYIHWLRQAPGQGLQWMGWMNPQTGRTNTARNFQGRVTMTRDTSIGTAY
MELRSLTSDDTAIYYCTTGGWISLYYDSSYYPNFDHWGQGTLLTVSGGSGGGGSGGGGSGGTSALTQPASVSGSPGQSIT
ISCTGTKYDVGSHDLVSWYQQYPGKVPKYMIYEVNKRPSGVSNRFSGSKSGNTASLTISGLRAEDEADYYCCSFGGSATV
VCGGGTKVTVHHHHHH
;
A
#
# COMPACT_ATOMS: atom_id res chain seq x y z
N GLU A 1 -2.88 27.04 27.00
CA GLU A 1 -2.70 25.59 27.09
C GLU A 1 -1.70 25.10 26.05
N ILE A 2 -0.61 24.50 26.50
CA ILE A 2 0.47 24.09 25.61
C ILE A 2 0.65 22.57 25.58
N ASN A 3 0.64 22.00 24.38
CA ASN A 3 0.84 20.57 24.20
C ASN A 3 1.90 20.27 23.16
N CYS A 4 2.97 19.61 23.56
CA CYS A 4 4.05 19.29 22.64
C CYS A 4 4.16 17.78 22.44
N THR A 5 4.33 17.36 21.18
CA THR A 5 4.51 15.94 20.91
C THR A 5 5.73 15.65 20.05
N ARG A 6 6.31 14.47 20.26
CA ARG A 6 7.42 13.99 19.46
C ARG A 6 6.99 12.75 18.68
N PRO A 7 6.56 12.94 17.43
CA PRO A 7 6.10 11.86 16.56
C PRO A 7 7.16 10.78 16.32
N ASN A 8 8.44 11.12 16.43
CA ASN A 8 9.46 10.10 16.23
C ASN A 8 9.21 8.87 17.12
N ASN A 9 9.31 7.70 16.51
CA ASN A 9 9.11 6.41 17.19
C ASN A 9 10.46 5.76 17.40
N ASN A 10 11.13 6.11 18.49
CA ASN A 10 12.45 5.56 18.73
C ASN A 10 12.68 4.65 19.92
N THR A 11 13.56 3.68 19.69
CA THR A 11 14.03 2.75 20.70
C THR A 11 15.53 2.71 20.53
N ARG A 12 16.26 2.98 21.61
CA ARG A 12 17.72 3.14 21.58
C ARG A 12 18.14 4.37 20.76
N PRO A 13 19.26 5.00 21.14
CA PRO A 13 19.68 6.25 20.49
C PRO A 13 19.96 6.09 19.00
N GLY A 14 20.30 4.89 18.57
CA GLY A 14 20.67 4.66 17.17
C GLY A 14 19.61 3.97 16.34
N GLU A 15 18.34 4.13 16.71
CA GLU A 15 17.26 3.49 15.96
C GLU A 15 15.93 4.21 16.06
N ILE A 16 15.44 4.68 14.92
CA ILE A 16 14.10 5.25 14.85
C ILE A 16 13.27 4.44 13.84
N ILE A 17 12.13 3.94 14.31
CA ILE A 17 11.37 2.96 13.55
C ILE A 17 10.73 3.49 12.26
N GLY A 18 10.02 4.61 12.37
CA GLY A 18 9.28 5.12 11.23
C GLY A 18 9.99 6.25 10.51
N ASP A 19 9.22 7.23 10.06
CA ASP A 19 9.78 8.40 9.40
C ASP A 19 10.18 9.45 10.44
N ILE A 20 10.85 10.51 9.98
CA ILE A 20 11.41 11.52 10.87
C ILE A 20 10.59 12.80 10.92
N ARG A 21 10.34 13.29 12.13
CA ARG A 21 9.65 14.56 12.32
C ARG A 21 10.31 15.34 13.45
N GLN A 22 10.32 16.68 13.32
CA GLN A 22 10.70 17.54 14.42
C GLN A 22 9.64 17.45 15.50
N ALA A 23 9.98 17.88 16.71
CA ALA A 23 8.99 18.03 17.76
C ALA A 23 8.12 19.22 17.40
N HIS A 24 6.85 19.20 17.81
CA HIS A 24 5.98 20.33 17.57
C HIS A 24 5.17 20.67 18.81
N CYS A 25 4.81 21.93 18.94
CA CYS A 25 3.99 22.39 20.05
C CYS A 25 2.74 23.09 19.53
N ASN A 26 1.64 22.92 20.23
CA ASN A 26 0.42 23.63 19.88
C ASN A 26 -0.23 24.25 21.08
N ILE A 27 -0.65 25.49 20.90
CA ILE A 27 -1.16 26.29 21.97
C ILE A 27 -2.60 26.64 21.65
N SER A 28 -3.47 26.53 22.64
CA SER A 28 -4.85 26.89 22.48
C SER A 28 -5.23 27.94 23.50
N ARG A 29 -5.75 29.06 23.02
CA ARG A 29 -6.13 30.17 23.88
C ARG A 29 -7.57 30.56 23.62
N ALA A 30 -8.40 30.46 24.65
CA ALA A 30 -9.79 30.88 24.57
C ALA A 30 -10.08 31.94 25.62
N GLN B 1 -3.58 16.50 -14.04
CA GLN B 1 -3.97 15.11 -13.89
C GLN B 1 -2.81 14.24 -13.40
N VAL B 2 -3.07 13.45 -12.36
CA VAL B 2 -2.03 12.63 -11.76
C VAL B 2 -1.69 11.44 -12.64
N GLN B 3 -0.40 11.27 -12.93
CA GLN B 3 0.09 10.11 -13.66
C GLN B 3 1.33 9.57 -12.97
N LEU B 4 1.37 8.27 -12.77
CA LEU B 4 2.58 7.63 -12.29
C LEU B 4 3.11 6.72 -13.39
N VAL B 5 4.15 7.17 -14.08
CA VAL B 5 4.65 6.39 -15.22
C VAL B 5 5.86 5.55 -14.85
N GLN B 6 5.68 4.23 -14.92
CA GLN B 6 6.74 3.29 -14.57
C GLN B 6 7.55 2.91 -15.79
N SER B 7 8.77 2.45 -15.56
CA SER B 7 9.62 1.96 -16.63
C SER B 7 9.08 0.63 -17.15
N GLY B 8 9.54 0.23 -18.34
CA GLY B 8 8.97 -0.91 -19.02
C GLY B 8 9.37 -2.26 -18.45
N ALA B 9 8.82 -3.31 -19.03
CA ALA B 9 9.06 -4.69 -18.58
C ALA B 9 10.51 -5.09 -18.78
N GLN B 10 10.97 -6.02 -17.96
CA GLN B 10 12.37 -6.46 -17.98
C GLN B 10 12.47 -7.96 -17.79
N MET B 11 13.41 -8.59 -18.49
CA MET B 11 13.78 -9.96 -18.19
C MET B 11 15.18 -9.99 -17.62
N LYS B 12 15.31 -10.63 -16.46
CA LYS B 12 16.59 -10.75 -15.80
C LYS B 12 16.90 -12.21 -15.53
N ASN B 13 18.16 -12.59 -15.65
CA ASN B 13 18.61 -13.90 -15.24
C ASN B 13 18.77 -13.88 -13.73
N PRO B 14 18.73 -15.06 -13.07
CA PRO B 14 18.85 -15.09 -11.61
C PRO B 14 20.17 -14.50 -11.11
N GLY B 15 20.15 -13.99 -9.89
CA GLY B 15 21.33 -13.39 -9.29
C GLY B 15 21.50 -11.93 -9.66
N ALA B 16 20.89 -11.53 -10.77
CA ALA B 16 20.99 -10.16 -11.27
C ALA B 16 20.18 -9.17 -10.42
N SER B 17 20.26 -7.90 -10.81
CA SER B 17 19.51 -6.85 -10.12
C SER B 17 18.53 -6.21 -11.09
N VAL B 18 17.45 -5.65 -10.55
CA VAL B 18 16.52 -4.89 -11.36
C VAL B 18 16.31 -3.51 -10.74
N LYS B 19 16.29 -2.48 -11.59
CA LYS B 19 16.00 -1.14 -11.10
C LYS B 19 14.79 -0.58 -11.82
N VAL B 20 13.68 -0.51 -11.11
CA VAL B 20 12.42 -0.03 -11.67
C VAL B 20 12.22 1.45 -11.33
N SER B 21 11.80 2.24 -12.31
CA SER B 21 11.58 3.66 -12.09
C SER B 21 10.11 4.04 -12.10
N CYS B 22 9.79 5.15 -11.44
CA CYS B 22 8.43 5.65 -11.31
C CYS B 22 8.45 7.16 -11.32
N ALA B 23 7.94 7.76 -12.39
CA ALA B 23 7.92 9.21 -12.54
C ALA B 23 6.51 9.75 -12.45
N PRO B 24 6.17 10.37 -11.31
CA PRO B 24 4.87 11.00 -11.06
C PRO B 24 4.79 12.43 -11.61
N SER B 25 3.61 12.80 -12.09
CA SER B 25 3.36 14.17 -12.52
C SER B 25 1.89 14.52 -12.28
N GLY B 26 1.59 15.81 -12.32
CA GLY B 26 0.21 16.27 -12.14
C GLY B 26 -0.08 16.58 -10.68
N TYR B 27 0.96 16.56 -9.86
CA TYR B 27 0.84 16.92 -8.45
C TYR B 27 2.23 17.18 -7.89
N THR B 28 2.31 17.62 -6.64
CA THR B 28 3.60 17.91 -6.03
C THR B 28 4.23 16.64 -5.45
N PHE B 29 5.23 16.14 -6.16
CA PHE B 29 5.96 14.92 -5.84
C PHE B 29 6.35 14.80 -4.36
N THR B 30 6.72 15.93 -3.77
CA THR B 30 7.24 15.95 -2.41
C THR B 30 6.17 16.04 -1.32
N ASP B 31 4.90 16.11 -1.73
CA ASP B 31 3.80 16.24 -0.77
C ASP B 31 3.26 14.91 -0.26
N PHE B 32 3.56 13.82 -0.96
CA PHE B 32 2.98 12.53 -0.64
C PHE B 32 4.04 11.44 -0.60
N TYR B 33 3.78 10.39 0.18
CA TYR B 33 4.69 9.26 0.25
C TYR B 33 4.64 8.45 -1.05
N ILE B 34 5.71 7.71 -1.29
CA ILE B 34 5.70 6.77 -2.40
C ILE B 34 5.85 5.35 -1.88
N HIS B 35 4.95 4.47 -2.28
CA HIS B 35 5.03 3.08 -1.84
C HIS B 35 5.35 2.16 -3.01
N TRP B 36 5.88 0.99 -2.67
CA TRP B 36 6.19 -0.03 -3.65
C TRP B 36 5.59 -1.35 -3.21
N LEU B 37 4.82 -1.94 -4.11
CA LEU B 37 4.19 -3.23 -3.87
C LEU B 37 4.43 -4.15 -5.08
N ARG B 38 4.12 -5.43 -4.95
CA ARG B 38 4.26 -6.34 -6.08
C ARG B 38 3.24 -7.47 -5.99
N GLN B 39 2.92 -8.03 -7.14
CA GLN B 39 1.87 -9.03 -7.22
C GLN B 39 2.22 -10.10 -8.23
N ALA B 40 2.04 -11.35 -7.83
CA ALA B 40 2.18 -12.49 -8.72
C ALA B 40 0.82 -13.19 -8.79
N PRO B 41 0.53 -13.83 -9.94
CA PRO B 41 -0.75 -14.57 -10.08
C PRO B 41 -0.93 -15.64 -8.99
N GLY B 42 0.14 -16.34 -8.67
CA GLY B 42 0.11 -17.40 -7.66
C GLY B 42 0.50 -16.94 -6.26
N GLN B 43 0.13 -15.71 -5.95
CA GLN B 43 0.28 -15.15 -4.60
C GLN B 43 -0.65 -13.94 -4.53
N GLY B 44 -0.58 -13.19 -3.43
CA GLY B 44 -1.45 -12.05 -3.27
C GLY B 44 -0.74 -10.72 -3.50
N LEU B 45 -1.14 -9.71 -2.73
CA LEU B 45 -0.54 -8.39 -2.84
C LEU B 45 0.57 -8.25 -1.81
N GLN B 46 1.79 -8.02 -2.27
CA GLN B 46 2.95 -7.95 -1.37
C GLN B 46 3.56 -6.57 -1.30
N TRP B 47 3.43 -5.92 -0.14
CA TRP B 47 3.99 -4.60 0.08
C TRP B 47 5.50 -4.69 0.27
N MET B 48 6.24 -3.85 -0.45
CA MET B 48 7.68 -3.90 -0.43
C MET B 48 8.28 -2.78 0.39
N GLY B 49 7.77 -1.56 0.24
CA GLY B 49 8.32 -0.47 1.03
C GLY B 49 7.73 0.92 0.85
N TRP B 50 8.18 1.87 1.67
CA TRP B 50 7.87 3.27 1.45
C TRP B 50 9.11 4.15 1.38
N MET B 51 8.93 5.29 0.74
CA MET B 51 9.95 6.31 0.60
C MET B 51 9.34 7.70 0.76
N ASN B 52 10.04 8.55 1.50
CA ASN B 52 9.72 9.95 1.62
C ASN B 52 10.49 10.73 0.54
N PRO B 53 9.76 11.24 -0.46
CA PRO B 53 10.35 11.95 -1.60
C PRO B 53 11.18 13.17 -1.18
N GLN B 54 10.78 13.84 -0.10
CA GLN B 54 11.53 14.98 0.40
C GLN B 54 12.95 14.61 0.81
N THR B 55 13.05 13.67 1.75
CA THR B 55 14.33 13.36 2.38
C THR B 55 15.00 12.12 1.81
N GLY B 56 14.22 11.20 1.26
CA GLY B 56 14.78 9.98 0.72
C GLY B 56 14.81 8.88 1.76
N ARG B 57 14.35 9.17 2.98
CA ARG B 57 14.29 8.16 4.01
C ARG B 57 13.30 7.08 3.60
N THR B 58 13.64 5.83 3.87
CA THR B 58 12.81 4.70 3.43
C THR B 58 12.50 3.73 4.56
N ASN B 59 11.55 2.84 4.32
CA ASN B 59 11.42 1.65 5.14
C ASN B 59 10.99 0.48 4.28
N THR B 60 11.62 -0.67 4.49
CA THR B 60 11.33 -1.83 3.64
C THR B 60 10.75 -2.98 4.45
N ALA B 61 9.95 -3.82 3.78
CA ALA B 61 9.41 -5.02 4.39
C ALA B 61 10.55 -5.92 4.87
N ARG B 62 10.31 -6.61 5.98
CA ARG B 62 11.31 -7.49 6.58
C ARG B 62 11.86 -8.49 5.58
N ASN B 63 10.96 -9.06 4.79
CA ASN B 63 11.31 -10.07 3.80
C ASN B 63 12.20 -9.55 2.68
N PHE B 64 12.36 -8.23 2.62
CA PHE B 64 13.22 -7.59 1.64
C PHE B 64 14.37 -6.85 2.33
N GLN B 65 14.49 -7.06 3.64
CA GLN B 65 15.50 -6.45 4.51
C GLN B 65 16.71 -5.78 3.86
N GLY B 66 17.46 -6.55 3.09
CA GLY B 66 18.70 -6.06 2.53
C GLY B 66 18.92 -6.38 1.07
N ARG B 67 17.85 -6.65 0.33
CA ARG B 67 17.95 -6.86 -1.10
C ARG B 67 17.17 -5.81 -1.89
N VAL B 68 16.59 -4.86 -1.15
CA VAL B 68 15.84 -3.75 -1.74
C VAL B 68 16.47 -2.42 -1.37
N THR B 69 16.62 -1.55 -2.36
CA THR B 69 17.02 -0.16 -2.12
C THR B 69 16.09 0.81 -2.85
N MET B 70 15.40 1.66 -2.10
CA MET B 70 14.53 2.67 -2.69
C MET B 70 15.18 4.05 -2.63
N THR B 71 15.23 4.71 -3.78
CA THR B 71 15.86 6.02 -3.85
C THR B 71 15.01 6.99 -4.67
N ARG B 72 15.49 8.20 -4.83
CA ARG B 72 14.85 9.11 -5.78
C ARG B 72 15.84 10.13 -6.33
N ASP B 73 15.68 10.43 -7.61
CA ASP B 73 16.42 11.48 -8.27
C ASP B 73 15.54 12.73 -8.24
N THR B 74 15.99 13.73 -7.48
CA THR B 74 15.19 14.92 -7.23
C THR B 74 15.09 15.84 -8.42
N SER B 75 16.16 15.92 -9.19
CA SER B 75 16.19 16.81 -10.36
C SER B 75 15.19 16.40 -11.43
N ILE B 76 14.90 15.11 -11.51
CA ILE B 76 13.95 14.59 -12.49
C ILE B 76 12.70 14.01 -11.83
N GLY B 77 12.58 14.24 -10.52
CA GLY B 77 11.43 13.82 -9.76
C GLY B 77 11.05 12.37 -9.98
N THR B 78 12.04 11.48 -9.92
CA THR B 78 11.80 10.08 -10.26
C THR B 78 12.19 9.14 -9.12
N ALA B 79 11.24 8.31 -8.71
CA ALA B 79 11.51 7.32 -7.66
C ALA B 79 12.09 6.04 -8.28
N TYR B 80 12.97 5.38 -7.54
CA TYR B 80 13.58 4.13 -7.98
C TYR B 80 13.46 3.04 -6.93
N MET B 81 13.22 1.82 -7.40
CA MET B 81 13.17 0.64 -6.55
C MET B 81 14.12 -0.39 -7.13
N GLU B 82 15.18 -0.72 -6.40
CA GLU B 82 16.12 -1.73 -6.86
C GLU B 82 16.01 -3.01 -6.06
N LEU B 83 15.85 -4.13 -6.76
CA LEU B 83 15.75 -5.43 -6.14
C LEU B 83 16.94 -6.29 -6.60
N ARG B 84 17.73 -6.76 -5.64
CA ARG B 84 18.95 -7.50 -5.92
C ARG B 84 18.78 -9.01 -5.76
N SER B 85 19.73 -9.76 -6.33
CA SER B 85 19.76 -11.22 -6.21
C SER B 85 18.44 -11.87 -6.63
N LEU B 86 18.00 -11.58 -7.85
CA LEU B 86 16.72 -12.08 -8.35
C LEU B 86 16.70 -13.60 -8.43
N THR B 87 15.54 -14.18 -8.19
CA THR B 87 15.29 -15.58 -8.53
C THR B 87 13.94 -15.65 -9.22
N SER B 88 13.51 -16.86 -9.56
CA SER B 88 12.23 -17.07 -10.22
C SER B 88 11.06 -16.64 -9.36
N ASP B 89 11.29 -16.54 -8.06
CA ASP B 89 10.26 -16.14 -7.11
C ASP B 89 9.98 -14.65 -7.20
N ASP B 90 10.85 -13.92 -7.88
CA ASP B 90 10.73 -12.48 -8.01
C ASP B 90 9.98 -12.08 -9.28
N THR B 91 9.60 -13.08 -10.08
CA THR B 91 8.76 -12.82 -11.24
C THR B 91 7.40 -12.29 -10.78
N ALA B 92 7.11 -11.04 -11.12
CA ALA B 92 5.89 -10.39 -10.66
C ALA B 92 5.66 -9.05 -11.35
N ILE B 93 4.46 -8.51 -11.17
CA ILE B 93 4.16 -7.14 -11.57
C ILE B 93 4.46 -6.24 -10.39
N TYR B 94 5.33 -5.26 -10.61
CA TYR B 94 5.74 -4.33 -9.56
C TYR B 94 5.05 -2.97 -9.73
N TYR B 95 4.52 -2.45 -8.64
CA TYR B 95 3.76 -1.20 -8.65
C TYR B 95 4.38 -0.12 -7.78
N CYS B 96 4.40 1.08 -8.33
CA CYS B 96 4.67 2.31 -7.60
C CYS B 96 3.34 3.00 -7.30
N THR B 97 3.12 3.40 -6.05
CA THR B 97 1.87 4.10 -5.69
C THR B 97 2.13 5.35 -4.88
N THR B 98 1.16 6.25 -4.84
CA THR B 98 1.19 7.38 -3.92
C THR B 98 0.71 6.91 -2.56
N GLY B 99 0.96 7.72 -1.53
CA GLY B 99 0.59 7.37 -0.18
C GLY B 99 0.02 8.55 0.56
N GLY B 100 0.21 8.55 1.87
CA GLY B 100 -0.33 9.61 2.71
C GLY B 100 0.28 10.96 2.43
N TRP B 101 -0.49 12.01 2.70
CA TRP B 101 0.00 13.37 2.58
C TRP B 101 1.06 13.61 3.64
N ILE B 102 2.16 14.24 3.26
CA ILE B 102 3.26 14.49 4.19
C ILE B 102 3.06 15.76 5.00
N SER B 103 2.93 15.58 6.31
CA SER B 103 2.71 16.68 7.23
C SER B 103 3.87 16.81 8.21
N LEU B 104 4.11 18.03 8.67
CA LEU B 104 5.16 18.30 9.64
C LEU B 104 4.84 17.75 11.02
N TYR B 105 3.56 17.55 11.30
CA TYR B 105 3.10 17.30 12.66
C TYR B 105 2.87 15.83 13.04
N TYR B 106 2.90 14.94 12.05
CA TYR B 106 2.74 13.51 12.31
C TYR B 106 3.35 12.66 11.21
N ASP B 107 3.48 11.37 11.47
CA ASP B 107 4.02 10.45 10.48
C ASP B 107 2.89 9.65 9.81
N SER B 108 2.79 9.77 8.49
CA SER B 108 1.77 9.07 7.74
C SER B 108 2.38 8.09 6.74
N SER B 109 3.66 7.76 6.96
CA SER B 109 4.40 6.83 6.09
C SER B 109 3.73 5.45 6.00
N TYR B 110 3.03 5.07 7.06
CA TYR B 110 2.45 3.73 7.13
C TYR B 110 0.95 3.74 6.87
N TYR B 111 0.43 4.84 6.33
CA TYR B 111 -0.97 4.90 5.92
C TYR B 111 -1.09 4.17 4.59
N PRO B 112 -1.87 3.07 4.55
CA PRO B 112 -2.04 2.34 3.29
C PRO B 112 -3.02 3.02 2.33
N ASN B 113 -2.90 4.34 2.20
CA ASN B 113 -3.79 5.12 1.35
C ASN B 113 -3.22 5.31 -0.05
N PHE B 114 -3.41 4.30 -0.90
CA PHE B 114 -2.82 4.31 -2.23
C PHE B 114 -3.80 4.79 -3.29
N ASP B 115 -4.06 6.09 -3.28
CA ASP B 115 -5.03 6.73 -4.18
C ASP B 115 -4.70 6.49 -5.65
N HIS B 116 -3.42 6.60 -6.00
CA HIS B 116 -3.01 6.52 -7.39
C HIS B 116 -1.92 5.48 -7.59
N TRP B 117 -1.99 4.77 -8.71
CA TRP B 117 -1.11 3.65 -8.98
C TRP B 117 -0.43 3.80 -10.33
N GLY B 118 0.83 3.38 -10.40
CA GLY B 118 1.52 3.27 -11.68
C GLY B 118 0.86 2.19 -12.52
N GLN B 119 1.27 2.08 -13.79
CA GLN B 119 0.65 1.10 -14.68
C GLN B 119 1.21 -0.31 -14.45
N GLY B 120 2.27 -0.41 -13.66
CA GLY B 120 2.85 -1.70 -13.35
C GLY B 120 4.03 -2.06 -14.23
N THR B 121 4.93 -2.88 -13.70
CA THR B 121 6.11 -3.29 -14.45
C THR B 121 6.35 -4.79 -14.28
N LEU B 122 6.22 -5.53 -15.37
CA LEU B 122 6.39 -6.98 -15.32
C LEU B 122 7.87 -7.40 -15.31
N LEU B 123 8.28 -8.02 -14.22
CA LEU B 123 9.62 -8.57 -14.12
C LEU B 123 9.54 -10.06 -14.34
N THR B 124 10.29 -10.56 -15.31
CA THR B 124 10.37 -12.00 -15.56
C THR B 124 11.80 -12.47 -15.27
N VAL B 125 11.93 -13.48 -14.42
CA VAL B 125 13.23 -14.04 -14.11
C VAL B 125 13.33 -15.48 -14.58
N SER B 126 14.05 -15.69 -15.68
CA SER B 126 14.12 -16.99 -16.32
C SER B 126 15.48 -17.65 -16.13
N GLY B 127 16.45 -17.22 -16.93
CA GLY B 127 17.80 -17.76 -16.84
C GLY B 127 17.89 -19.24 -17.14
N ALA B 144 1.60 -11.96 5.51
CA ALA B 144 0.42 -11.50 4.78
C ALA B 144 -0.83 -11.58 5.64
N LEU B 145 -1.79 -10.69 5.36
CA LEU B 145 -3.07 -10.72 6.05
C LEU B 145 -3.91 -11.87 5.51
N THR B 146 -4.87 -12.33 6.30
CA THR B 146 -5.66 -13.50 5.92
C THR B 146 -7.03 -13.13 5.38
N GLN B 147 -7.20 -13.36 4.07
CA GLN B 147 -8.49 -13.19 3.42
C GLN B 147 -9.00 -14.54 2.94
N PRO B 148 -10.33 -14.71 2.87
CA PRO B 148 -10.87 -15.92 2.23
C PRO B 148 -10.53 -15.88 0.75
N ALA B 149 -10.15 -17.03 0.18
CA ALA B 149 -9.68 -17.06 -1.20
C ALA B 149 -10.82 -16.80 -2.16
N SER B 150 -12.02 -17.22 -1.77
CA SER B 150 -13.19 -17.12 -2.62
C SER B 150 -14.43 -16.75 -1.82
N VAL B 151 -15.19 -15.81 -2.35
CA VAL B 151 -16.47 -15.44 -1.74
C VAL B 151 -17.52 -15.34 -2.84
N SER B 152 -18.68 -15.92 -2.60
CA SER B 152 -19.70 -16.01 -3.64
C SER B 152 -21.05 -15.45 -3.18
N GLY B 153 -21.73 -14.78 -4.10
CA GLY B 153 -23.07 -14.29 -3.85
C GLY B 153 -23.87 -14.27 -5.14
N SER B 154 -25.19 -14.28 -5.03
CA SER B 154 -26.05 -14.13 -6.20
C SER B 154 -26.41 -12.64 -6.32
N PRO B 155 -27.00 -12.21 -7.45
CA PRO B 155 -27.24 -10.77 -7.60
C PRO B 155 -28.22 -10.19 -6.57
N GLY B 156 -27.94 -8.97 -6.13
CA GLY B 156 -28.80 -8.27 -5.19
C GLY B 156 -28.44 -8.49 -3.74
N GLN B 157 -27.69 -9.55 -3.46
CA GLN B 157 -27.33 -9.91 -2.09
C GLN B 157 -26.26 -9.00 -1.51
N SER B 158 -26.23 -8.93 -0.18
CA SER B 158 -25.14 -8.26 0.52
C SER B 158 -24.08 -9.29 0.84
N ILE B 159 -22.84 -8.99 0.48
CA ILE B 159 -21.73 -9.91 0.66
C ILE B 159 -20.70 -9.28 1.59
N THR B 160 -19.92 -10.10 2.28
CA THR B 160 -18.87 -9.57 3.16
C THR B 160 -17.55 -10.33 3.05
N ILE B 161 -16.45 -9.56 3.06
CA ILE B 161 -15.11 -10.11 2.88
C ILE B 161 -14.25 -9.76 4.07
N SER B 162 -13.71 -10.78 4.73
CA SER B 162 -12.89 -10.57 5.92
C SER B 162 -11.40 -10.41 5.61
N CYS B 163 -10.69 -9.82 6.58
CA CYS B 163 -9.28 -9.54 6.45
C CYS B 163 -8.69 -9.53 7.85
N THR B 164 -8.06 -10.64 8.21
CA THR B 164 -7.63 -10.85 9.59
C THR B 164 -6.12 -10.74 9.78
N GLY B 165 -5.72 -9.90 10.74
CA GLY B 165 -4.33 -9.77 11.12
C GLY B 165 -4.14 -10.01 12.60
N THR B 166 -3.28 -9.22 13.23
CA THR B 166 -3.02 -9.35 14.66
C THR B 166 -3.27 -8.04 15.38
N LYS B 167 -3.10 -8.05 16.70
CA LYS B 167 -3.28 -6.84 17.50
C LYS B 167 -2.19 -5.80 17.22
N TYR B 168 -1.12 -6.23 16.56
CA TYR B 168 -0.01 -5.35 16.22
C TYR B 168 -0.21 -4.61 14.90
N ASP B 169 -1.03 -5.17 14.01
CA ASP B 169 -1.33 -4.53 12.75
C ASP B 169 -2.76 -3.98 12.70
N VAL B 170 -3.70 -4.73 12.12
CA VAL B 170 -5.05 -4.21 11.94
C VAL B 170 -5.80 -3.99 13.26
N GLY B 171 -5.38 -4.70 14.31
CA GLY B 171 -5.96 -4.55 15.63
C GLY B 171 -5.66 -3.20 16.24
N SER B 172 -4.50 -2.65 15.90
CA SER B 172 -4.17 -1.27 16.28
C SER B 172 -4.42 -0.38 15.08
N HIS B 173 -4.76 0.87 15.33
CA HIS B 173 -5.04 1.84 14.26
C HIS B 173 -6.24 1.50 13.37
N ASP B 174 -7.00 2.52 13.02
CA ASP B 174 -8.04 2.39 12.01
C ASP B 174 -7.44 2.72 10.65
N LEU B 175 -6.48 1.91 10.22
CA LEU B 175 -5.74 2.16 9.00
C LEU B 175 -5.81 0.99 8.03
N VAL B 176 -7.01 0.67 7.57
CA VAL B 176 -7.20 -0.42 6.62
C VAL B 176 -7.86 0.08 5.34
N SER B 177 -7.25 -0.24 4.21
CA SER B 177 -7.78 0.12 2.90
C SER B 177 -8.15 -1.12 2.09
N TRP B 178 -9.04 -0.93 1.11
CA TRP B 178 -9.48 -2.02 0.25
C TRP B 178 -9.33 -1.67 -1.23
N TYR B 179 -8.93 -2.65 -2.03
CA TYR B 179 -8.64 -2.40 -3.45
C TYR B 179 -9.33 -3.44 -4.34
N GLN B 180 -9.95 -2.96 -5.40
CA GLN B 180 -10.63 -3.82 -6.36
C GLN B 180 -9.78 -4.01 -7.60
N GLN B 181 -9.56 -5.26 -8.00
CA GLN B 181 -8.77 -5.54 -9.20
C GLN B 181 -9.47 -6.44 -10.22
N TYR B 182 -9.84 -5.85 -11.35
CA TYR B 182 -10.33 -6.62 -12.49
C TYR B 182 -9.15 -7.32 -13.16
N PRO B 183 -9.41 -8.48 -13.81
CA PRO B 183 -8.36 -9.26 -14.47
C PRO B 183 -7.51 -8.45 -15.43
N GLY B 184 -6.20 -8.53 -15.28
CA GLY B 184 -5.27 -7.82 -16.15
C GLY B 184 -5.31 -6.30 -16.00
N LYS B 185 -5.86 -5.84 -14.87
CA LYS B 185 -5.98 -4.40 -14.62
C LYS B 185 -5.29 -3.99 -13.32
N VAL B 186 -5.06 -2.70 -13.19
CA VAL B 186 -4.45 -2.11 -12.00
C VAL B 186 -5.46 -2.08 -10.87
N PRO B 187 -5.01 -2.37 -9.63
CA PRO B 187 -5.87 -2.24 -8.46
C PRO B 187 -6.47 -0.84 -8.31
N LYS B 188 -7.69 -0.76 -7.79
CA LYS B 188 -8.38 0.50 -7.59
C LYS B 188 -8.72 0.75 -6.13
N TYR B 189 -8.37 1.94 -5.66
CA TYR B 189 -8.69 2.46 -4.34
C TYR B 189 -10.20 2.44 -4.11
N MET B 190 -10.67 1.71 -3.10
CA MET B 190 -12.11 1.53 -2.88
C MET B 190 -12.60 1.97 -1.51
N ILE B 191 -11.83 1.65 -0.48
CA ILE B 191 -12.14 2.01 0.90
C ILE B 191 -10.82 2.37 1.57
N TYR B 192 -10.83 3.33 2.48
CA TYR B 192 -9.63 3.62 3.27
C TYR B 192 -9.97 4.00 4.71
N GLU B 193 -8.97 3.88 5.58
CA GLU B 193 -9.14 4.11 7.01
C GLU B 193 -10.40 3.40 7.55
N VAL B 194 -10.48 2.11 7.24
CA VAL B 194 -11.57 1.24 7.67
C VAL B 194 -12.90 1.48 6.95
N ASN B 195 -13.45 2.69 7.07
CA ASN B 195 -14.80 2.94 6.57
C ASN B 195 -14.99 4.16 5.66
N LYS B 196 -13.90 4.81 5.27
CA LYS B 196 -14.01 6.01 4.45
C LYS B 196 -13.98 5.73 2.95
N ARG B 197 -14.84 6.43 2.21
CA ARG B 197 -14.95 6.22 0.78
C ARG B 197 -14.23 7.29 -0.01
N PRO B 198 -13.41 6.87 -0.96
CA PRO B 198 -12.79 7.79 -1.92
C PRO B 198 -13.83 8.32 -2.89
N SER B 199 -13.58 9.50 -3.48
CA SER B 199 -14.53 10.11 -4.40
C SER B 199 -14.78 9.24 -5.63
N GLY B 200 -16.05 9.07 -5.97
CA GLY B 200 -16.43 8.27 -7.12
C GLY B 200 -16.93 6.89 -6.75
N VAL B 201 -16.69 6.48 -5.51
CA VAL B 201 -17.10 5.15 -5.05
C VAL B 201 -18.49 5.18 -4.41
N SER B 202 -19.40 4.36 -4.94
CA SER B 202 -20.77 4.32 -4.45
C SER B 202 -20.86 3.82 -3.02
N ASN B 203 -21.95 4.19 -2.35
CA ASN B 203 -22.18 3.79 -0.96
C ASN B 203 -22.48 2.31 -0.81
N ARG B 204 -22.52 1.59 -1.92
CA ARG B 204 -22.72 0.14 -1.91
C ARG B 204 -21.59 -0.56 -1.17
N PHE B 205 -20.41 0.06 -1.23
CA PHE B 205 -19.24 -0.48 -0.56
C PHE B 205 -19.04 0.19 0.79
N SER B 206 -19.04 -0.61 1.85
CA SER B 206 -18.82 -0.08 3.18
C SER B 206 -17.78 -0.92 3.90
N GLY B 207 -17.16 -0.37 4.93
CA GLY B 207 -16.12 -1.07 5.65
C GLY B 207 -16.32 -1.00 7.14
N SER B 208 -15.89 -2.04 7.84
CA SER B 208 -16.00 -2.07 9.30
C SER B 208 -14.80 -2.80 9.90
N LYS B 209 -14.71 -2.78 11.22
CA LYS B 209 -13.61 -3.47 11.90
C LYS B 209 -14.04 -3.93 13.28
N SER B 210 -13.58 -5.12 13.64
CA SER B 210 -13.83 -5.68 14.95
C SER B 210 -12.62 -6.46 15.41
N GLY B 211 -12.06 -6.07 16.55
CA GLY B 211 -10.86 -6.69 17.08
C GLY B 211 -9.74 -6.65 16.05
N ASN B 212 -9.26 -7.83 15.67
CA ASN B 212 -8.16 -7.94 14.72
C ASN B 212 -8.62 -8.27 13.29
N THR B 213 -9.90 -8.02 13.00
CA THR B 213 -10.45 -8.33 11.68
C THR B 213 -11.17 -7.15 11.04
N ALA B 214 -10.79 -6.82 9.81
CA ALA B 214 -11.45 -5.77 9.07
C ALA B 214 -12.34 -6.39 8.00
N SER B 215 -13.46 -5.76 7.71
CA SER B 215 -14.41 -6.31 6.75
C SER B 215 -14.84 -5.31 5.68
N LEU B 216 -14.99 -5.81 4.46
CA LEU B 216 -15.56 -5.03 3.36
C LEU B 216 -16.92 -5.64 2.97
N THR B 217 -17.98 -4.87 3.16
CA THR B 217 -19.32 -5.30 2.79
C THR B 217 -19.77 -4.64 1.49
N ILE B 218 -20.14 -5.47 0.52
CA ILE B 218 -20.69 -5.00 -0.73
C ILE B 218 -22.19 -5.30 -0.78
N SER B 219 -23.02 -4.27 -0.68
CA SER B 219 -24.45 -4.44 -0.78
C SER B 219 -24.90 -4.28 -2.22
N GLY B 220 -26.09 -4.81 -2.53
CA GLY B 220 -26.66 -4.71 -3.86
C GLY B 220 -25.72 -5.25 -4.92
N LEU B 221 -25.33 -6.52 -4.76
CA LEU B 221 -24.30 -7.11 -5.62
C LEU B 221 -24.70 -7.10 -7.09
N ARG B 222 -24.00 -6.28 -7.86
CA ARG B 222 -24.16 -6.24 -9.31
C ARG B 222 -23.17 -7.24 -9.91
N ALA B 223 -23.41 -7.65 -11.15
CA ALA B 223 -22.49 -8.54 -11.85
C ALA B 223 -21.09 -7.96 -11.98
N GLU B 224 -21.02 -6.63 -12.18
CA GLU B 224 -19.73 -5.97 -12.37
C GLU B 224 -18.99 -5.71 -11.05
N ASP B 225 -19.39 -6.40 -10.00
CA ASP B 225 -18.65 -6.38 -8.74
C ASP B 225 -17.69 -7.56 -8.71
N GLU B 226 -17.92 -8.50 -9.62
CA GLU B 226 -17.06 -9.68 -9.75
C GLU B 226 -15.62 -9.26 -10.07
N ALA B 227 -14.74 -9.47 -9.11
CA ALA B 227 -13.33 -9.07 -9.21
C ALA B 227 -12.53 -9.63 -8.06
N ASP B 228 -11.25 -9.26 -8.00
CA ASP B 228 -10.40 -9.60 -6.86
C ASP B 228 -10.34 -8.42 -5.89
N TYR B 229 -10.55 -8.69 -4.60
CA TYR B 229 -10.50 -7.64 -3.61
C TYR B 229 -9.39 -7.88 -2.59
N TYR B 230 -8.58 -6.86 -2.35
CA TYR B 230 -7.43 -6.95 -1.46
C TYR B 230 -7.53 -5.98 -0.30
N CYS B 231 -7.20 -6.43 0.90
CA CYS B 231 -7.10 -5.52 2.03
C CYS B 231 -5.63 -5.19 2.30
N CYS B 232 -5.36 -3.93 2.63
CA CYS B 232 -4.04 -3.51 3.08
C CYS B 232 -4.22 -2.80 4.41
N SER B 233 -3.18 -2.82 5.23
CA SER B 233 -3.30 -2.25 6.57
C SER B 233 -1.94 -1.81 7.10
N PHE B 234 -1.97 -0.93 8.10
CA PHE B 234 -0.79 -0.70 8.93
C PHE B 234 -0.28 -2.06 9.36
N GLY B 235 1.02 -2.29 9.18
CA GLY B 235 1.57 -3.62 9.40
C GLY B 235 2.35 -3.75 10.70
N GLY B 236 2.52 -2.63 11.39
CA GLY B 236 3.36 -2.61 12.58
C GLY B 236 4.76 -2.15 12.20
N SER B 237 5.36 -1.37 13.09
CA SER B 237 6.71 -0.83 12.86
C SER B 237 6.82 -0.07 11.54
N ALA B 238 5.86 0.82 11.31
CA ALA B 238 5.83 1.67 10.13
C ALA B 238 5.88 0.90 8.80
N THR B 239 5.35 -0.32 8.82
CA THR B 239 5.23 -1.08 7.58
C THR B 239 3.77 -1.12 7.18
N VAL B 240 3.52 -1.64 5.98
CA VAL B 240 2.18 -1.91 5.51
C VAL B 240 2.13 -3.39 5.13
N VAL B 241 1.05 -4.06 5.50
CA VAL B 241 0.85 -5.47 5.16
C VAL B 241 -0.43 -5.66 4.34
N CYS B 242 -0.36 -6.50 3.31
CA CYS B 242 -1.52 -6.72 2.45
C CYS B 242 -1.96 -8.19 2.46
N GLY B 243 -3.21 -8.43 2.06
CA GLY B 243 -3.77 -9.76 2.07
C GLY B 243 -3.51 -10.55 0.79
N GLY B 244 -3.85 -11.83 0.81
CA GLY B 244 -3.65 -12.70 -0.33
C GLY B 244 -4.71 -12.54 -1.41
N GLY B 245 -5.78 -11.83 -1.09
CA GLY B 245 -6.81 -11.54 -2.07
C GLY B 245 -8.06 -12.40 -1.97
N THR B 246 -9.17 -11.84 -2.44
CA THR B 246 -10.45 -12.52 -2.43
C THR B 246 -11.16 -12.39 -3.77
N LYS B 247 -11.36 -13.52 -4.44
CA LYS B 247 -12.11 -13.56 -5.68
C LYS B 247 -13.60 -13.54 -5.37
N VAL B 248 -14.32 -12.58 -5.92
CA VAL B 248 -15.76 -12.49 -5.70
C VAL B 248 -16.52 -12.98 -6.92
N THR B 249 -17.38 -13.97 -6.71
CA THR B 249 -18.19 -14.52 -7.80
C THR B 249 -19.66 -14.14 -7.63
N VAL B 250 -20.25 -13.62 -8.70
CA VAL B 250 -21.67 -13.29 -8.70
C VAL B 250 -22.46 -14.32 -9.50
N HIS B 251 -23.27 -15.11 -8.81
CA HIS B 251 -24.11 -16.11 -9.45
C HIS B 251 -25.29 -15.47 -10.17
#